data_3OK2
#
_entry.id   3OK2
#
_cell.length_a   26.070
_cell.length_b   42.510
_cell.length_c   157.790
_cell.angle_alpha   90.00
_cell.angle_beta   90.00
_cell.angle_gamma   90.00
#
_symmetry.space_group_name_H-M   'P 21 21 21'
#
loop_
_entity.id
_entity.type
_entity.pdbx_description
1 polymer (A6C)(A6C)(A6G)(A6U)(A6A)(A6A)(A6U)(A6G)(A6C)(A6C)(PO4)
2 polymer GGCAUUACGG
3 water water
#
loop_
_entity_poly.entity_id
_entity_poly.type
_entity_poly.pdbx_seq_one_letter_code
_entity_poly.pdbx_strand_id
1 'other' (A6C)(A6C)(A6G)(A6U)(A6A)(A6A)(A6U)(A6G)(A6C)(A6C)(PO4) A,C,E
2 'polyribonucleotide' GGCAUUACGG B,D,F
#
loop_
_chem_comp.id
_chem_comp.type
_chem_comp.name
_chem_comp.formula
A RNA linking ADENOSINE-5'-MONOPHOSPHATE 'C10 H14 N5 O7 P'
A6A RNA linking 2-(6-amino-9H-purin-9-yl)-1,5-anhydro-2-deoxy-6-O-phosphono-D-altritol 'C11 H16 N5 O7 P'
A6C RNA linking 2-(4-amino-2-oxopyrimidin-1(2H)-yl)-1,5-anhydro-2-deoxy-6-O-phosphono-D-altritol 'C10 H16 N3 O8 P'
A6G RNA linking 2-(2-amino-6-oxo-1,6-dihydro-9H-purin-9-yl)-1,5-anhydro-2-deoxy-6-O-phosphono-D-altritol 'C11 H16 N5 O8 P'
A6U RNA linking 1,5-anhydro-2-deoxy-2-(2,4-dioxo-3,4-dihydropyrimidin-1(2H)-yl)-6-O-phosphono-D-altritol 'C10 H15 N2 O9 P'
C RNA linking CYTIDINE-5'-MONOPHOSPHATE 'C9 H14 N3 O8 P'
G RNA linking GUANOSINE-5'-MONOPHOSPHATE 'C10 H14 N5 O8 P'
PO4 non-polymer 'PHOSPHATE ION' 'O4 P -3'
U RNA linking URIDINE-5'-MONOPHOSPHATE 'C9 H13 N2 O9 P'
#
# COMPACT_ATOMS: atom_id res chain seq x y z
N1 A6C A 1 -15.79 28.42 23.33
C2 A6C A 1 -14.77 29.28 23.78
O2 A6C A 1 -14.65 30.39 23.17
N3 A6C A 1 -14.02 28.90 24.86
C4 A6C A 1 -14.26 27.72 25.45
N4 A6C A 1 -13.51 27.37 26.48
C5 A6C A 1 -15.29 26.83 24.98
C6 A6C A 1 -16.02 27.20 23.91
C1' A6C A 1 -16.62 28.89 22.25
C2' A6C A 1 -16.04 28.64 20.83
O2' A6C A 1 -16.64 29.69 19.97
C3' A6C A 1 -16.39 27.24 20.35
O3' A6C A 1 -16.01 26.89 19.00
C4' A6C A 1 -17.90 26.92 20.60
O4' A6C A 1 -18.36 27.23 21.96
C5' A6C A 1 -18.19 25.46 20.36
O5' A6C A 1 -19.62 25.27 20.54
C6' A6C A 1 -18.13 28.58 22.41
P A6C A 2 -14.57 26.33 18.62
N1 A6C A 2 -11.22 29.70 21.39
C2 A6C A 2 -10.34 30.04 22.40
O2 A6C A 2 -9.62 31.09 22.27
N3 A6C A 2 -10.28 29.22 23.51
C4 A6C A 2 -11.05 28.12 23.57
N4 A6C A 2 -10.87 27.35 24.65
C5 A6C A 2 -11.94 27.76 22.52
C6 A6C A 2 -12.03 28.60 21.49
C1' A6C A 2 -11.34 30.69 20.27
C2' A6C A 2 -10.62 30.37 18.93
O2' A6C A 2 -10.35 31.61 18.21
C3' A6C A 2 -11.43 29.37 18.14
O3' A6C A 2 -10.80 29.08 16.93
C4' A6C A 2 -12.94 29.77 17.98
O4' A6C A 2 -13.55 30.26 19.19
C5' A6C A 2 -13.80 28.57 17.65
O5' A6C A 2 -13.61 27.58 18.63
C6' A6C A 2 -12.76 31.14 20.04
OP1 A6C A 2 -14.61 25.84 17.22
OP2 A6C A 2 -14.08 25.41 19.65
P A6G A 3 -9.79 27.83 16.69
N1 A6G A 3 -5.27 27.22 24.76
C2 A6G A 3 -4.45 28.18 24.22
N2 A6G A 3 -3.33 28.48 24.88
N3 A6G A 3 -4.75 28.87 23.13
C4 A6G A 3 -5.93 28.49 22.56
C5 A6G A 3 -6.80 27.51 22.97
C6 A6G A 3 -6.47 26.81 24.16
O6 A6G A 3 -7.11 25.91 24.71
N7 A6G A 3 -7.88 27.41 22.09
C8 A6G A 3 -7.64 28.31 21.17
N9 A6G A 3 -6.46 29.02 21.40
C1' A6G A 3 -5.85 30.13 20.60
C2' A6G A 3 -4.86 29.59 19.53
O2' A6G A 3 -3.90 30.64 19.19
C3' A6G A 3 -5.61 28.99 18.35
O3' A6G A 3 -4.85 28.63 17.24
C4' A6G A 3 -6.73 29.91 17.85
O4' A6G A 3 -7.58 30.35 18.90
C5' A6G A 3 -7.60 29.17 16.83
O5' A6G A 3 -8.50 28.32 17.48
C6' A6G A 3 -6.83 31.07 19.90
OP1 A6G A 3 -9.47 27.74 15.25
OP2 A6G A 3 -10.35 26.65 17.37
P A6U A 4 -4.10 27.22 17.13
N1 A6U A 4 -2.51 25.93 22.38
C2 A6U A 4 -2.62 25.19 23.57
O2 A6U A 4 -1.83 25.18 24.50
N3 A6U A 4 -3.79 24.50 23.67
C4 A6U A 4 -4.79 24.40 22.76
O4 A6U A 4 -5.74 23.70 23.03
C5 A6U A 4 -4.62 25.16 21.54
C6 A6U A 4 -3.53 25.93 21.43
C1' A6U A 4 -1.28 26.82 22.12
C2' A6U A 4 -0.22 26.23 21.12
O2' A6U A 4 0.97 27.06 21.11
C3' A6U A 4 -0.62 26.24 19.69
O3' A6U A 4 0.43 25.70 18.87
C4' A6U A 4 -1.04 27.69 19.37
O4' A6U A 4 -1.99 28.23 20.33
C5' A6U A 4 -1.86 27.75 18.14
O5' A6U A 4 -3.15 27.27 18.40
C6' A6U A 4 -1.56 28.23 21.69
OP1 A6U A 4 -3.12 27.21 16.03
OP2 A6U A 4 -5.12 26.13 17.17
P A6A A 5 0.20 24.17 18.46
N1 A6A A 5 -2.52 19.98 25.62
C2 A6A A 5 -1.30 20.21 26.11
N3 A6A A 5 -0.33 20.98 25.60
C4 A6A A 5 -0.71 21.50 24.41
C5 A6A A 5 -1.90 21.28 23.74
C6 A6A A 5 -2.86 20.49 24.42
N6 A6A A 5 -4.09 20.21 23.97
N7 A6A A 5 -1.92 21.96 22.53
C8 A6A A 5 -0.75 22.54 22.47
N9 A6A A 5 0.04 22.28 23.57
C1' A6A A 5 1.41 22.71 23.81
C2' A6A A 5 2.32 21.72 23.06
O2' A6A A 5 3.66 21.77 23.56
C3' A6A A 5 2.44 22.03 21.58
O3' A6A A 5 3.44 21.21 21.03
C4' A6A A 5 2.71 23.52 21.28
O4' A6A A 5 1.74 24.32 21.95
C5' A6A A 5 2.47 23.83 19.83
O5' A6A A 5 1.18 23.41 19.50
C6' A6A A 5 1.74 24.14 23.40
OP1 A6A A 5 0.52 23.73 17.06
OP2 A6A A 5 -1.21 23.91 18.86
P A6A A 6 3.12 19.77 20.36
N1 A6A A 6 -3.01 15.90 25.17
C2 A6A A 6 -2.03 15.50 26.03
N3 A6A A 6 -0.72 15.86 26.04
C4 A6A A 6 -0.46 16.67 24.95
C5 A6A A 6 -1.37 17.13 24.01
C6 A6A A 6 -2.70 16.71 24.15
N6 A6A A 6 -3.66 17.08 23.29
N7 A6A A 6 -0.77 17.95 23.10
C8 A6A A 6 0.49 17.98 23.45
N9 A6A A 6 0.73 17.18 24.54
C1' A6A A 6 1.98 17.08 25.30
C2' A6A A 6 2.84 15.97 24.66
O2' A6A A 6 3.73 15.42 25.65
C3' A6A A 6 3.50 16.49 23.38
O3' A6A A 6 4.34 15.50 22.89
C4' A6A A 6 4.26 17.83 23.60
O4' A6A A 6 3.45 18.81 24.29
C5' A6A A 6 4.55 18.56 22.31
O5' A6A A 6 3.35 18.70 21.57
C6' A6A A 6 2.72 18.41 25.47
OP1 A6A A 6 4.12 19.54 19.30
OP2 A6A A 6 1.69 19.66 20.02
P A6U A 7 4.13 14.66 21.57
N1 A6U A 7 -1.17 12.84 23.60
C2 A6U A 7 -2.49 12.45 23.36
O2 A6U A 7 -3.00 11.52 23.95
N3 A6U A 7 -3.16 13.23 22.45
C4 A6U A 7 -2.57 14.24 21.68
O4 A6U A 7 -3.26 14.89 20.93
C5 A6U A 7 -1.17 14.55 21.96
C6 A6U A 7 -0.56 13.89 22.93
C1' A6U A 7 -0.39 12.03 24.57
C2' A6U A 7 0.18 10.83 23.78
O2' A6U A 7 0.44 9.80 24.72
C3' A6U A 7 1.44 11.19 23.02
O3' A6U A 7 2.12 10.06 22.53
C4' A6U A 7 2.42 11.97 23.91
O4' A6U A 7 1.81 13.13 24.50
C5' A6U A 7 3.57 12.44 23.01
O5' A6U A 7 3.15 13.49 22.12
C6' A6U A 7 0.67 12.85 25.32
OP1 A6U A 7 5.51 14.18 21.24
OP2 A6U A 7 3.37 15.32 20.49
P A6G A 8 2.03 9.55 21.00
N1 A6G A 8 -6.67 10.09 19.74
C2 A6G A 8 -6.83 8.97 20.49
N2 A6G A 8 -8.09 8.50 20.50
N3 A6G A 8 -5.82 8.39 21.20
C4 A6G A 8 -4.67 9.08 21.11
C5 A6G A 8 -4.39 10.20 20.35
C6 A6G A 8 -5.46 10.78 19.61
O6 A6G A 8 -5.44 11.80 18.91
N7 A6G A 8 -3.06 10.59 20.48
C8 A6G A 8 -2.55 9.68 21.28
N9 A6G A 8 -3.45 8.72 21.69
C1' A6G A 8 -3.31 7.55 22.55
C2' A6G A 8 -3.03 6.40 21.62
O2' A6G A 8 -2.96 5.15 22.40
C3' A6G A 8 -1.61 6.61 21.05
O3' A6G A 8 -1.27 5.48 20.34
C4' A6G A 8 -0.59 6.90 22.21
O4' A6G A 8 -1.02 7.92 23.10
C5' A6G A 8 0.84 7.31 21.78
O5' A6G A 8 0.81 8.51 21.01
C6' A6G A 8 -2.28 7.61 23.71
OP1 A6G A 8 3.24 8.80 20.64
OP2 A6G A 8 1.64 10.71 20.18
P A6C A 9 -1.16 5.24 18.73
N1 A6C A 9 -6.62 6.40 18.12
C2 A6C A 9 -7.66 7.11 17.45
O2 A6C A 9 -8.86 6.71 17.51
N3 A6C A 9 -7.32 8.30 16.82
C4 A6C A 9 -6.05 8.72 16.80
N4 A6C A 9 -5.76 9.85 16.14
C5 A6C A 9 -4.98 7.99 17.44
C6 A6C A 9 -5.32 6.89 18.09
C1' A6C A 9 -6.88 5.12 18.86
C2' A6C A 9 -6.58 3.95 17.91
O2' A6C A 9 -7.45 2.89 18.24
C3' A6C A 9 -5.13 3.52 17.88
O3' A6C A 9 -5.00 2.35 17.19
C4' A6C A 9 -4.47 3.46 19.29
O4' A6C A 9 -4.75 4.65 20.02
C5' A6C A 9 -3.01 3.48 19.15
O5' A6C A 9 -2.62 4.66 18.48
C6' A6C A 9 -6.18 4.85 20.19
OP1 A6C A 9 -0.18 4.19 18.46
OP2 A6C A 9 -1.05 6.59 18.06
P A6C A 10 -4.62 2.27 15.67
N1 A6C A 10 -8.57 5.76 13.48
C2 A6C A 10 -8.98 6.90 12.73
O2 A6C A 10 -10.14 6.97 12.27
N3 A6C A 10 -8.10 7.93 12.58
C4 A6C A 10 -6.87 7.86 13.11
N4 A6C A 10 -6.03 8.88 12.87
C5 A6C A 10 -6.44 6.70 13.84
C6 A6C A 10 -7.32 5.69 14.02
C1' A6C A 10 -9.50 4.67 13.62
C2' A6C A 10 -9.32 3.59 12.53
O2' A6C A 10 -10.53 2.87 12.32
C3' A6C A 10 -8.20 2.63 12.91
O3' A6C A 10 -7.99 1.61 11.96
C4' A6C A 10 -8.34 2.11 14.35
O4' A6C A 10 -8.55 3.18 15.29
C5' A6C A 10 -7.01 1.49 14.76
O5' A6C A 10 -6.02 2.51 14.86
C6' A6C A 10 -9.63 4.09 15.01
OP1 A6C A 10 -4.26 0.84 15.59
OP2 A6C A 10 -3.75 3.36 15.27
P PO4 A 11 -6.93 1.83 10.80
O1 PO4 A 11 -7.56 2.95 9.82
O3 PO4 A 11 -6.82 0.59 9.99
O4 PO4 A 11 -5.73 2.48 11.39
N1 A6C B 1 -9.76 6.25 8.30
C2 A6C B 1 -9.50 7.52 7.70
O2 A6C B 1 -10.36 8.04 6.92
N3 A6C B 1 -8.33 8.17 8.06
C4 A6C B 1 -7.44 7.61 8.91
N4 A6C B 1 -6.31 8.28 9.19
C5 A6C B 1 -7.67 6.31 9.47
C6 A6C B 1 -8.82 5.67 9.15
C1' A6C B 1 -11.01 5.51 7.92
C2' A6C B 1 -10.84 4.74 6.57
O2' A6C B 1 -12.14 4.49 6.04
C3' A6C B 1 -10.18 3.39 6.76
O3' A6C B 1 -10.33 2.65 5.56
C4' A6C B 1 -10.60 2.60 8.05
O4' A6C B 1 -10.89 3.37 9.21
C5' A6C B 1 -9.56 1.63 8.62
O5' A6C B 1 -8.60 1.02 7.73
C6' A6C B 1 -11.60 4.61 9.02
P A6C B 2 -9.02 2.45 4.64
N1 A6C B 2 -8.53 7.80 3.60
C2 A6C B 2 -7.75 8.97 3.64
O2 A6C B 2 -8.07 9.90 2.93
N3 A6C B 2 -6.64 9.06 4.43
C4 A6C B 2 -6.34 8.02 5.24
N4 A6C B 2 -5.24 8.14 6.01
C5 A6C B 2 -7.13 6.81 5.24
C6 A6C B 2 -8.20 6.74 4.41
C1' A6C B 2 -9.75 7.74 2.68
C2' A6C B 2 -9.52 7.12 1.29
O2' A6C B 2 -10.72 7.24 0.52
C3' A6C B 2 -9.28 5.65 1.39
O3' A6C B 2 -9.29 5.14 0.08
C4' A6C B 2 -10.44 4.97 2.16
O4' A6C B 2 -10.79 5.63 3.37
C5' A6C B 2 -10.12 3.53 2.50
O5' A6C B 2 -9.01 3.48 3.40
C6' A6C B 2 -10.96 7.06 3.28
OP1 A6C B 2 -9.06 1.08 4.09
OP2 A6C B 2 -7.85 2.86 5.48
P A6G B 3 -7.99 4.99 -0.83
N1 A6G B 3 -2.07 10.66 1.43
C2 A6G B 3 -2.51 11.43 0.36
N2 A6G B 3 -1.71 12.42 -0.05
N3 A6G B 3 -3.65 11.22 -0.27
C4 A6G B 3 -4.34 10.16 0.24
C5 A6G B 3 -4.02 9.35 1.30
C6 A6G B 3 -2.78 9.57 1.96
O6 A6G B 3 -2.30 8.91 2.89
N7 A6G B 3 -4.99 8.37 1.53
C8 A6G B 3 -5.91 8.63 0.62
N9 A6G B 3 -5.58 9.72 -0.20
C1' A6G B 3 -6.35 10.37 -1.26
C2' A6G B 3 -5.92 9.96 -2.70
O2' A6G B 3 -6.39 10.97 -3.58
C3' A6G B 3 -6.46 8.58 -3.07
O3' A6G B 3 -6.09 8.19 -4.36
C4' A6G B 3 -7.96 8.43 -2.80
O4' A6G B 3 -8.24 8.86 -1.47
C5' A6G B 3 -8.37 6.98 -2.66
O5' A6G B 3 -7.72 6.42 -1.51
C6' A6G B 3 -7.84 10.20 -1.11
OP1 A6G B 3 -8.33 4.02 -1.92
OP2 A6G B 3 -6.85 4.64 0.06
P A6U B 4 -4.78 7.29 -4.66
N1 A6U B 4 -1.26 9.86 -2.76
C2 A6U B 4 -0.14 9.93 -1.96
O2 A6U B 4 0.75 10.77 -2.14
N3 A6U B 4 -0.13 9.02 -0.92
C4 A6U B 4 -1.09 8.07 -0.60
O4 A6U B 4 -0.92 7.31 0.39
C5 A6U B 4 -2.24 8.09 -1.48
C6 A6U B 4 -2.27 8.97 -2.49
C1' A6U B 4 -1.36 10.83 -3.91
C2' A6U B 4 -0.89 10.17 -5.25
O2' A6U B 4 -0.52 11.22 -6.16
C3' A6U B 4 -1.98 9.33 -5.88
O3' A6U B 4 -1.62 8.79 -7.15
C4' A6U B 4 -3.31 10.11 -5.96
O4' A6U B 4 -3.65 10.52 -4.66
C5' A6U B 4 -4.47 9.25 -6.39
O5' A6U B 4 -4.27 7.88 -6.05
C6' A6U B 4 -2.74 11.47 -4.09
OP1 A6U B 4 -5.32 5.92 -4.79
OP2 A6U B 4 -3.65 7.52 -3.73
P A6A B 5 -0.96 7.30 -7.29
N1 A6A B 5 4.11 7.14 -0.41
C2 A6A B 5 4.91 8.03 -1.01
N3 A6A B 5 4.71 8.61 -2.22
C4 A6A B 5 3.54 8.20 -2.80
C5 A6A B 5 2.64 7.28 -2.30
C6 A6A B 5 2.95 6.74 -1.02
N6 A6A B 5 2.17 5.84 -0.42
N7 A6A B 5 1.59 7.09 -3.20
C8 A6A B 5 1.86 7.88 -4.22
N9 A6A B 5 3.05 8.56 -4.04
C1' A6A B 5 3.69 9.54 -4.96
C2' A6A B 5 4.46 8.85 -6.13
O2' A6A B 5 5.43 9.73 -6.78
C3' A6A B 5 3.49 8.27 -7.13
O3' A6A B 5 4.12 7.72 -8.27
C4' A6A B 5 2.34 9.24 -7.47
O4' A6A B 5 1.74 9.76 -6.28
C5' A6A B 5 1.19 8.48 -8.03
O5' A6A B 5 0.55 7.71 -7.01
C6' A6A B 5 2.65 10.52 -5.50
OP1 A6A B 5 -1.12 6.91 -8.73
OP2 A6A B 5 -1.51 6.41 -6.20
P A6A B 6 4.50 6.14 -8.32
N1 A6A B 6 6.07 3.68 0.18
C2 A6A B 6 7.27 4.26 0.08
N3 A6A B 6 7.80 4.93 -0.93
C4 A6A B 6 6.90 5.00 -1.97
C5 A6A B 6 5.62 4.46 -2.00
C6 A6A B 6 5.19 3.77 -0.86
N6 A6A B 6 3.98 3.24 -0.79
N7 A6A B 6 4.98 4.70 -3.19
C8 A6A B 6 5.88 5.38 -3.87
N9 A6A B 6 7.06 5.59 -3.22
C1' A6A B 6 8.22 6.33 -3.75
C2' A6A B 6 9.03 5.52 -4.83
O2' A6A B 6 10.30 6.16 -5.00
C3' A6A B 6 8.37 5.47 -6.18
O3' A6A B 6 9.20 4.89 -7.13
C4' A6A B 6 7.91 6.86 -6.63
O4' A6A B 6 7.06 7.31 -5.60
C5' A6A B 6 7.00 6.82 -7.84
O5' A6A B 6 5.86 6.06 -7.50
C6' A6A B 6 7.82 7.62 -4.42
OP1 A6A B 6 4.72 5.83 -9.77
OP2 A6A B 6 3.50 5.30 -7.61
P A6U B 7 9.10 3.32 -7.44
N1 A6U B 7 8.87 1.26 -1.96
C2 A6U B 7 8.25 0.54 -0.92
O2 A6U B 7 8.85 0.07 0.06
N3 A6U B 7 6.89 0.36 -1.09
C4 A6U B 7 6.11 0.83 -2.16
O4 A6U B 7 4.90 0.59 -2.19
C5 A6U B 7 6.83 1.55 -3.21
C6 A6U B 7 8.16 1.74 -3.06
C1' A6U B 7 10.33 1.48 -1.91
C2' A6U B 7 11.03 0.32 -2.68
O2' A6U B 7 12.43 0.29 -2.38
C3' A6U B 7 10.91 0.49 -4.18
O3' A6U B 7 11.65 -0.51 -4.84
C4' A6U B 7 11.35 1.92 -4.57
O4' A6U B 7 10.65 2.94 -3.84
C5' A6U B 7 11.00 2.22 -6.00
O5' A6U B 7 9.64 2.59 -6.11
C6' A6U B 7 10.79 2.84 -2.42
OP1 A6U B 7 10.07 3.12 -8.54
OP2 A6U B 7 7.68 2.95 -7.61
P A6G B 8 11.04 -1.69 -5.77
N1 A6G B 8 5.06 -5.02 0.49
C2 A6G B 8 6.16 -5.44 1.20
N2 A6G B 8 5.84 -6.14 2.29
N3 A6G B 8 7.42 -5.16 0.90
C4 A6G B 8 7.55 -4.42 -0.24
C5 A6G B 8 6.51 -3.96 -1.03
C6 A6G B 8 5.13 -4.24 -0.65
O6 A6G B 8 4.04 -3.96 -1.20
N7 A6G B 8 7.03 -3.27 -2.13
C8 A6G B 8 8.33 -3.31 -1.96
N9 A6G B 8 8.75 -4.01 -0.85
C1' A6G B 8 10.17 -4.25 -0.42
C2' A6G B 8 10.82 -5.42 -1.20
O2' A6G B 8 11.98 -5.84 -0.49
C3' A6G B 8 11.31 -5.05 -2.58
O3' A6G B 8 12.12 -6.07 -3.13
C4' A6G B 8 12.09 -3.70 -2.62
O4' A6G B 8 11.46 -2.68 -1.85
C5' A6G B 8 12.29 -3.19 -4.05
O5' A6G B 8 11.10 -2.96 -4.79
C6' A6G B 8 11.16 -3.08 -0.49
OP1 A6G B 8 12.00 -1.88 -6.89
OP2 A6G B 8 9.63 -1.34 -6.11
P A6C B 9 11.54 -7.46 -3.70
N1 A6C B 9 6.39 -8.57 -0.50
C2 A6C B 9 4.97 -8.73 -0.55
O2 A6C B 9 4.41 -9.58 0.17
N3 A6C B 9 4.23 -7.96 -1.39
C4 A6C B 9 4.84 -7.05 -2.17
N4 A6C B 9 4.08 -6.26 -2.99
C5 A6C B 9 6.28 -6.91 -2.15
C6 A6C B 9 7.00 -7.69 -1.31
C1' A6C B 9 7.23 -9.45 0.39
C2' A6C B 9 7.77 -10.71 -0.37
O2' A6C B 9 8.05 -11.76 0.56
C3' A6C B 9 8.96 -10.38 -1.31
O3' A6C B 9 9.54 -11.52 -1.90
C4' A6C B 9 10.01 -9.46 -0.61
O4' A6C B 9 9.37 -8.35 0.01
C5' A6C B 9 11.07 -8.86 -1.50
O5' A6C B 9 10.56 -7.98 -2.50
C6' A6C B 9 8.42 -8.73 1.03
OP1 A6C B 9 12.70 -8.36 -3.85
OP2 A6C B 9 10.79 -7.12 -4.95
P A6C B 10 9.10 -12.27 -3.30
N1 A6C B 10 3.48 -11.99 -2.60
C2 A6C B 10 2.22 -11.48 -2.90
O2 A6C B 10 1.20 -12.00 -2.38
N3 A6C B 10 2.16 -10.43 -3.76
C4 A6C B 10 3.27 -9.93 -4.28
N4 A6C B 10 3.10 -8.90 -5.12
C5 A6C B 10 4.60 -10.42 -3.99
C6 A6C B 10 4.64 -11.46 -3.15
C1' A6C B 10 3.53 -13.15 -1.63
C2' A6C B 10 3.76 -14.50 -2.37
O2' A6C B 10 3.38 -15.60 -1.52
C3' A6C B 10 5.20 -14.59 -2.83
O3' A6C B 10 5.45 -15.72 -3.61
C4' A6C B 10 6.21 -14.34 -1.69
O4' A6C B 10 5.92 -13.10 -1.01
C5' A6C B 10 7.59 -14.11 -2.25
O5' A6C B 10 7.66 -12.86 -2.91
C6' A6C B 10 4.57 -13.01 -0.52
OP1 A6C B 10 10.10 -13.34 -3.50
OP2 A6C B 10 8.91 -11.36 -4.46
P PO4 B 11 5.31 -15.65 -5.22
O1 PO4 B 11 3.86 -14.99 -5.53
O3 PO4 B 11 5.23 -17.06 -5.68
O4 PO4 B 11 6.37 -14.73 -5.71
N1 A6C C 1 -0.58 -13.80 -5.18
C2 A6C C 1 -1.59 -13.02 -5.79
O2 A6C C 1 -2.77 -13.28 -5.53
N3 A6C C 1 -1.21 -12.00 -6.62
C4 A6C C 1 0.10 -11.77 -6.85
N4 A6C C 1 0.44 -10.77 -7.68
C5 A6C C 1 1.13 -12.57 -6.25
C6 A6C C 1 0.75 -13.55 -5.44
C1' A6C C 1 -0.98 -14.93 -4.25
C2' A6C C 1 -1.18 -16.26 -5.01
O2' A6C C 1 -2.19 -16.98 -4.31
C3' A6C C 1 0.05 -17.14 -5.13
O3' A6C C 1 -0.24 -18.46 -5.60
C4' A6C C 1 0.82 -17.18 -3.78
O4' A6C C 1 1.11 -15.85 -3.29
C5' A6C C 1 2.14 -17.94 -3.90
O5' A6C C 1 2.55 -18.47 -2.64
C6' A6C C 1 -0.09 -15.09 -3.00
P A6C C 2 -0.34 -18.83 -7.14
N1 A6C C 2 -3.87 -14.84 -8.79
C2 A6C C 2 -4.16 -13.78 -9.70
O2 A6C C 2 -5.35 -13.53 -9.95
N3 A6C C 2 -3.14 -13.09 -10.27
C4 A6C C 2 -1.84 -13.37 -9.93
N4 A6C C 2 -0.82 -12.66 -10.50
C5 A6C C 2 -1.55 -14.46 -9.04
C6 A6C C 2 -2.57 -15.17 -8.52
C1' A6C C 2 -5.01 -15.63 -8.20
C2' A6C C 2 -5.39 -16.85 -9.06
O2' A6C C 2 -6.77 -17.17 -8.79
C3' A6C C 2 -4.42 -17.98 -8.79
O3' A6C C 2 -4.72 -19.16 -9.48
C4' A6C C 2 -4.20 -18.26 -7.26
O4' A6C C 2 -3.99 -17.08 -6.48
C5' A6C C 2 -2.95 -19.07 -7.03
O5' A6C C 2 -1.82 -18.41 -7.57
C6' A6C C 2 -4.93 -16.02 -6.72
OP1 A6C C 2 -0.15 -20.28 -7.35
OP2 A6C C 2 0.63 -17.95 -7.87
P A6G C 3 -4.28 -19.56 -10.97
N1 A6G C 3 -3.54 -11.98 -15.56
C2 A6G C 3 -4.90 -12.06 -15.79
N2 A6G C 3 -5.46 -11.18 -16.68
N3 A6G C 3 -5.66 -13.00 -15.20
C4 A6G C 3 -4.99 -13.74 -14.29
C5 A6G C 3 -3.64 -13.74 -14.00
C6 A6G C 3 -2.82 -12.78 -14.67
O6 A6G C 3 -1.60 -12.62 -14.53
N7 A6G C 3 -3.31 -14.76 -13.07
C8 A6G C 3 -4.45 -15.32 -12.80
N9 A6G C 3 -5.51 -14.75 -13.53
C1' A6G C 3 -6.94 -15.12 -13.49
C2' A6G C 3 -7.17 -16.24 -14.49
O2' A6G C 3 -8.52 -16.18 -14.93
C3' A6G C 3 -6.87 -17.60 -13.94
O3' A6G C 3 -7.32 -18.60 -14.79
C4' A6G C 3 -7.37 -17.87 -12.52
O4' A6G C 3 -6.99 -16.83 -11.68
C5' A6G C 3 -6.59 -19.04 -12.00
O5' A6G C 3 -5.25 -18.63 -11.86
C6' A6G C 3 -7.45 -15.51 -12.10
OP1 A6G C 3 -4.63 -21.01 -11.08
OP2 A6G C 3 -2.89 -19.15 -11.26
P A6U C 4 -6.28 -19.36 -15.76
N1 A6U C 4 -4.78 -14.68 -18.44
C2 A6U C 4 -3.76 -13.82 -18.83
O2 A6U C 4 -3.88 -13.05 -19.78
N3 A6U C 4 -2.60 -13.92 -18.14
C4 A6U C 4 -2.32 -14.84 -17.15
O4 A6U C 4 -1.20 -14.83 -16.66
C5 A6U C 4 -3.43 -15.67 -16.74
C6 A6U C 4 -4.60 -15.58 -17.40
C1' A6U C 4 -6.15 -14.56 -19.17
C2' A6U C 4 -6.21 -15.66 -20.24
O2' A6U C 4 -7.13 -15.31 -21.29
C3' A6U C 4 -6.56 -17.03 -19.66
O3' A6U C 4 -6.92 -17.84 -20.74
C4' A6U C 4 -7.68 -17.01 -18.59
O4' A6U C 4 -7.52 -15.94 -17.65
C5' A6U C 4 -7.70 -18.27 -17.74
O5' A6U C 4 -6.42 -18.56 -17.16
C6' A6U C 4 -7.39 -14.63 -18.27
OP1 A6U C 4 -6.91 -20.72 -15.84
OP2 A6U C 4 -4.88 -19.27 -15.27
P A6A C 5 -5.94 -18.92 -21.44
N1 A6A C 5 1.87 -14.02 -20.75
C2 A6A C 5 1.45 -13.49 -21.90
N3 A6A C 5 0.28 -13.64 -22.50
C4 A6A C 5 -0.50 -14.48 -21.79
C5 A6A C 5 -0.19 -15.11 -20.61
C6 A6A C 5 1.10 -14.90 -20.11
N6 A6A C 5 1.59 -15.42 -18.97
N7 A6A C 5 -1.25 -15.94 -20.24
C8 A6A C 5 -2.14 -15.78 -21.19
N9 A6A C 5 -1.75 -14.88 -22.14
C1' A6A C 5 -2.47 -14.45 -23.33
C2' A6A C 5 -2.14 -15.49 -24.45
O2' A6A C 5 -2.42 -14.89 -25.70
C3' A6A C 5 -3.00 -16.72 -24.33
O3' A6A C 5 -2.83 -17.58 -25.47
C4' A6A C 5 -4.51 -16.34 -24.01
O4' A6A C 5 -4.61 -15.46 -22.84
C5' A6A C 5 -5.35 -17.54 -23.61
O5' A6A C 5 -4.98 -18.00 -22.33
C6' A6A C 5 -3.98 -14.18 -23.07
OP1 A6A C 5 -6.79 -19.84 -22.24
OP2 A6A C 5 -5.02 -19.56 -20.48
P A6A C 6 -1.99 -19.01 -25.43
N1 A6A C 6 5.32 -16.02 -21.41
C2 A6A C 6 5.62 -15.44 -22.59
N3 A6A C 6 4.83 -15.26 -23.63
C4 A6A C 6 3.63 -15.88 -23.49
C5 A6A C 6 3.20 -16.53 -22.36
C6 A6A C 6 4.10 -16.61 -21.28
N6 A6A C 6 3.82 -17.24 -20.14
N7 A6A C 6 1.94 -17.07 -22.57
C8 A6A C 6 1.63 -16.69 -23.78
N9 A6A C 6 2.60 -16.00 -24.41
C1' A6A C 6 2.57 -15.44 -25.79
C2' A6A C 6 3.00 -16.56 -26.78
O2' A6A C 6 3.24 -16.07 -28.10
C3' A6A C 6 1.92 -17.56 -26.99
O3' A6A C 6 2.34 -18.37 -28.06
C4' A6A C 6 0.56 -16.85 -27.24
O4' A6A C 6 0.19 -15.80 -26.31
C5' A6A C 6 -0.59 -17.80 -27.19
O5' A6A C 6 -0.59 -18.45 -25.94
C6' A6A C 6 1.22 -14.79 -26.19
OP1 A6A C 6 -2.45 -19.95 -26.50
OP2 A6A C 6 -1.93 -19.53 -24.07
P A6U C 7 3.11 -19.81 -27.86
N1 A6U C 7 7.25 -18.14 -24.16
C2 A6U C 7 8.01 -18.41 -23.00
O2 A6U C 7 9.21 -18.19 -22.87
N3 A6U C 7 7.30 -19.05 -22.01
C4 A6U C 7 5.95 -19.40 -22.05
O4 A6U C 7 5.49 -19.95 -21.05
C5 A6U C 7 5.25 -19.10 -23.28
C6 A6U C 7 5.91 -18.52 -24.28
C1' A6U C 7 7.97 -17.48 -25.29
C2' A6U C 7 8.55 -18.55 -26.20
O2' A6U C 7 9.60 -17.95 -26.96
C3' A6U C 7 7.51 -19.14 -27.16
O3' A6U C 7 8.13 -19.94 -28.10
C4' A6U C 7 6.71 -18.10 -27.92
O4' A6U C 7 6.22 -17.13 -27.01
C5' A6U C 7 5.47 -18.72 -28.54
O5' A6U C 7 4.62 -19.34 -27.54
C6' A6U C 7 7.23 -16.49 -26.17
OP1 A6U C 7 3.08 -20.50 -29.20
OP2 A6U C 7 2.57 -20.46 -26.64
P A6G C 8 8.31 -21.51 -27.99
N1 A6G C 8 10.70 -22.55 -19.67
C2 A6G C 8 11.98 -22.20 -20.04
N2 A6G C 8 12.99 -22.36 -19.15
N3 A6G C 8 12.27 -21.67 -21.22
C4 A6G C 8 11.19 -21.54 -22.07
C5 A6G C 8 9.91 -21.94 -21.86
C6 A6G C 8 9.59 -22.47 -20.57
O6 A6G C 8 8.47 -22.91 -20.24
N7 A6G C 8 9.10 -21.68 -22.97
C8 A6G C 8 9.92 -21.16 -23.87
N9 A6G C 8 11.23 -21.08 -23.40
C1' A6G C 8 12.46 -20.58 -24.09
C2' A6G C 8 13.13 -21.77 -24.81
O2' A6G C 8 14.47 -21.33 -25.11
C3' A6G C 8 12.41 -22.16 -26.07
O3' A6G C 8 13.13 -23.04 -26.89
C4' A6G C 8 12.05 -20.95 -26.95
O4' A6G C 8 11.49 -19.90 -26.19
C5' A6G C 8 11.02 -21.34 -28.03
O5' A6G C 8 9.81 -21.63 -27.33
C6' A6G C 8 12.27 -19.44 -25.05
OP1 A6G C 8 8.32 -22.11 -29.33
OP2 A6G C 8 7.41 -22.17 -27.02
P A6C C 9 12.76 -24.58 -26.90
N1 A6C C 9 12.87 -25.53 -21.12
C2 A6C C 9 12.31 -26.00 -19.90
O2 A6C C 9 13.09 -26.35 -18.98
N3 A6C C 9 10.96 -26.06 -19.76
C4 A6C C 9 10.16 -25.72 -20.80
N4 A6C C 9 8.82 -25.84 -20.64
C5 A6C C 9 10.70 -25.30 -22.06
C6 A6C C 9 12.03 -25.18 -22.15
C1' A6C C 9 14.36 -25.44 -21.21
C2' A6C C 9 14.95 -26.69 -21.83
O2' A6C C 9 16.33 -26.72 -21.47
C3' A6C C 9 14.76 -26.61 -23.34
O3' A6C C 9 15.42 -27.64 -23.96
C4' A6C C 9 15.24 -25.25 -23.89
O4' A6C C 9 14.75 -24.13 -23.17
C5' A6C C 9 14.79 -25.07 -25.34
O5' A6C C 9 13.40 -25.24 -25.53
C6' A6C C 9 15.03 -24.19 -21.75
OP1 A6C C 9 13.51 -25.17 -28.02
OP2 A6C C 9 11.28 -24.66 -26.85
P A6C C 10 14.63 -28.94 -24.44
N1 A6C C 10 12.00 -30.25 -19.56
C2 A6C C 10 10.78 -30.32 -18.83
O2 A6C C 10 10.81 -30.85 -17.70
N3 A6C C 10 9.60 -29.91 -19.43
C4 A6C C 10 9.62 -29.38 -20.69
N4 A6C C 10 8.47 -28.92 -21.19
C5 A6C C 10 10.87 -29.24 -21.42
C6 A6C C 10 12.01 -29.73 -20.85
C1' A6C C 10 13.27 -30.80 -18.90
C2' A6C C 10 13.70 -32.14 -19.52
O2' A6C C 10 14.70 -32.67 -18.65
C3' A6C C 10 14.25 -31.95 -20.93
O3' A6C C 10 14.60 -33.12 -21.65
C4' A6C C 10 15.33 -30.86 -21.01
O4' A6C C 10 14.88 -29.69 -20.35
C5' A6C C 10 15.66 -30.43 -22.44
O5' A6C C 10 14.52 -29.91 -23.12
C6' A6C C 10 14.46 -29.87 -18.99
OP1 A6C C 10 15.46 -29.63 -25.45
OP2 A6C C 10 13.26 -28.47 -24.70
P PO4 C 11 13.45 -34.07 -22.27
O1 PO4 C 11 12.48 -34.33 -21.14
O3 PO4 C 11 14.17 -35.47 -22.62
O4 PO4 C 11 12.97 -33.44 -23.50
#